data_5E80
#
_entry.id   5E80
#
_cell.length_a   31.760
_cell.length_b   40.900
_cell.length_c   68.800
_cell.angle_alpha   97.700
_cell.angle_beta   102.380
_cell.angle_gamma   89.310
#
_symmetry.space_group_name_H-M   'P 1'
#
loop_
_entity.id
_entity.type
_entity.pdbx_description
1 polymer "Retinal rod rhodopsin-sensitive cGMP 3',5'-cyclic phosphodiesterase subunit delta"
2 non-polymer N-(3-chloro-2-methylphenyl)-4-(3,4-dimethyl-7-oxo-2-phenyl-2,7-dihydro-6H-pyrazolo[3,4-d]pyridazin-6-yl)butanamide
3 water water
#
_entity_poly.entity_id   1
_entity_poly.type   'polypeptide(L)'
_entity_poly.pdbx_seq_one_letter_code
;SAKDERAREILRGFKLNWMNLRDAATGKILWQGTEDLSVPGVEHEARVPKKILKCKAVSRELNFSSTEQMEKFRLEQKVY
FKGQCLEEWFFEFGFVIPNSTNTWQSLIEAAPESQMMPASVLTGNVIIETKFFDDDLLVSTSRVRLFYV
;
_entity_poly.pdbx_strand_id   B,A
#
# COMPACT_ATOMS: atom_id res chain seq x y z
N SER A 1 3.10 -30.77 23.74
CA SER A 1 2.25 -29.94 22.83
C SER A 1 2.77 -30.09 21.40
N ALA A 2 1.85 -30.46 20.51
CA ALA A 2 2.11 -30.54 19.09
C ALA A 2 2.37 -29.16 18.53
N LYS A 3 1.74 -28.16 19.10
CA LYS A 3 1.96 -26.75 18.69
C LYS A 3 3.38 -26.31 18.90
N ASP A 4 3.89 -26.53 20.10
CA ASP A 4 5.26 -26.12 20.39
C ASP A 4 6.25 -26.78 19.44
N GLU A 5 6.06 -28.08 19.20
CA GLU A 5 6.99 -28.84 18.41
C GLU A 5 6.88 -28.47 16.93
N ARG A 6 5.67 -28.20 16.47
CA ARG A 6 5.49 -27.76 15.08
C ARG A 6 6.27 -26.48 14.89
N ALA A 7 6.08 -25.51 15.80
CA ALA A 7 6.86 -24.27 15.83
C ALA A 7 8.36 -24.56 15.84
N ARG A 8 8.78 -25.53 16.63
CA ARG A 8 10.18 -25.92 16.63
C ARG A 8 10.67 -26.46 15.27
N GLU A 9 9.85 -27.28 14.59
CA GLU A 9 10.22 -27.85 13.27
C GLU A 9 10.38 -26.72 12.27
N ILE A 10 9.42 -25.82 12.26
CA ILE A 10 9.50 -24.68 11.34
C ILE A 10 10.82 -23.92 11.54
N LEU A 11 11.17 -23.63 12.79
CA LEU A 11 12.41 -22.95 13.14
C LEU A 11 13.68 -23.69 12.75
N ARG A 12 13.72 -25.00 12.96
CA ARG A 12 14.90 -25.76 12.59
C ARG A 12 15.21 -25.63 11.10
N GLY A 13 14.18 -25.44 10.26
CA GLY A 13 14.35 -25.52 8.81
C GLY A 13 14.33 -24.16 8.15
N PHE A 14 14.33 -23.14 8.99
CA PHE A 14 14.18 -21.78 8.52
C PHE A 14 15.49 -21.03 8.64
N LYS A 15 15.84 -20.23 7.64
CA LYS A 15 16.78 -19.16 7.88
C LYS A 15 16.62 -17.95 6.97
N LEU A 16 17.10 -16.83 7.50
CA LEU A 16 17.19 -15.58 6.79
C LEU A 16 18.60 -15.51 6.20
N ASN A 17 18.69 -15.47 4.87
CA ASN A 17 19.96 -15.55 4.15
C ASN A 17 20.60 -14.17 4.05
N TRP A 18 19.77 -13.15 3.76
CA TRP A 18 20.23 -11.78 3.71
C TRP A 18 19.08 -10.81 3.78
N MET A 19 19.40 -9.58 4.16
CA MET A 19 18.48 -8.48 3.98
C MET A 19 19.16 -7.20 3.48
N ASN A 20 18.34 -6.29 2.97
CA ASN A 20 18.75 -4.95 2.50
C ASN A 20 17.92 -3.90 3.16
N LEU A 21 18.43 -2.67 3.18
CA LEU A 21 17.61 -1.49 3.43
C LEU A 21 17.93 -0.46 2.37
N ARG A 22 16.87 0.05 1.72
CA ARG A 22 16.99 1.10 0.71
C ARG A 22 16.20 2.35 1.11
N ASP A 23 16.62 3.51 0.62
CA ASP A 23 15.81 4.68 0.67
C ASP A 23 14.63 4.38 -0.24
N ALA A 24 13.42 4.45 0.32
CA ALA A 24 12.21 4.09 -0.42
C ALA A 24 11.92 5.02 -1.59
N ALA A 25 12.44 6.25 -1.56
CA ALA A 25 12.21 7.22 -2.64
C ALA A 25 13.20 7.01 -3.82
N THR A 26 14.50 7.07 -3.57
CA THR A 26 15.50 6.89 -4.61
C THR A 26 15.70 5.43 -5.02
N GLY A 27 15.64 4.49 -4.07
CA GLY A 27 15.98 3.08 -4.30
C GLY A 27 17.43 2.72 -4.00
N LYS A 28 18.22 3.64 -3.47
CA LYS A 28 19.64 3.38 -3.21
C LYS A 28 19.89 2.59 -1.91
N ILE A 29 20.87 1.70 -1.94
CA ILE A 29 21.17 0.86 -0.81
C ILE A 29 21.65 1.71 0.33
N LEU A 30 21.17 1.41 1.55
CA LEU A 30 21.71 2.02 2.76
C LEU A 30 22.55 1.05 3.59
N TRP A 31 22.09 -0.18 3.68
CA TRP A 31 22.68 -1.19 4.53
C TRP A 31 22.30 -2.54 4.01
N GLN A 32 23.17 -3.51 4.20
CA GLN A 32 22.84 -4.90 3.91
C GLN A 32 23.51 -5.88 4.85
N GLY A 33 22.84 -6.99 5.18
CA GLY A 33 23.37 -7.94 6.15
C GLY A 33 23.22 -9.38 5.67
N THR A 34 24.09 -10.26 6.16
CA THR A 34 24.09 -11.67 5.73
C THR A 34 23.96 -12.66 6.88
N GLU A 35 23.97 -12.18 8.11
CA GLU A 35 23.85 -13.06 9.25
C GLU A 35 22.40 -13.46 9.45
N ASP A 36 22.15 -14.70 9.90
CA ASP A 36 20.78 -15.15 10.16
C ASP A 36 20.23 -14.56 11.46
N LEU A 37 19.42 -13.51 11.31
CA LEU A 37 18.81 -12.80 12.45
C LEU A 37 17.49 -13.38 12.87
N SER A 38 17.07 -14.47 12.21
CA SER A 38 16.00 -15.30 12.74
C SER A 38 16.40 -15.94 14.08
N VAL A 39 17.71 -15.98 14.35
CA VAL A 39 18.23 -16.83 15.42
C VAL A 39 17.92 -16.21 16.77
N PRO A 40 17.16 -16.93 17.61
CA PRO A 40 16.80 -16.45 18.93
C PRO A 40 17.86 -16.77 19.99
N GLY A 41 17.84 -16.03 21.10
CA GLY A 41 18.82 -16.24 22.18
C GLY A 41 20.05 -15.36 22.12
N VAL A 42 20.52 -15.05 20.93
CA VAL A 42 21.66 -14.18 20.73
C VAL A 42 21.08 -12.78 20.49
N GLU A 43 21.67 -11.74 21.09
CA GLU A 43 21.32 -10.36 20.75
C GLU A 43 22.18 -9.92 19.57
N HIS A 44 21.53 -9.74 18.44
CA HIS A 44 22.23 -9.38 17.25
C HIS A 44 22.46 -7.85 17.23
N GLU A 45 23.34 -7.45 16.32
CA GLU A 45 23.86 -6.11 16.26
C GLU A 45 23.72 -5.69 14.82
N ALA A 46 23.40 -4.43 14.60
CA ALA A 46 23.30 -3.91 13.25
C ALA A 46 23.78 -2.46 13.26
N ARG A 47 24.86 -2.23 12.53
CA ARG A 47 25.46 -0.92 12.46
C ARG A 47 25.02 -0.35 11.11
N VAL A 48 24.02 0.53 11.17
CA VAL A 48 23.34 1.09 10.00
C VAL A 48 23.72 2.56 9.87
N PRO A 49 24.16 3.03 8.68
CA PRO A 49 24.41 4.45 8.45
C PRO A 49 23.30 5.36 8.93
N LYS A 50 23.67 6.47 9.54
CA LYS A 50 22.70 7.38 10.11
C LYS A 50 21.84 8.14 9.10
N LYS A 51 22.29 8.24 7.84
CA LYS A 51 21.47 8.87 6.80
C LYS A 51 20.11 8.21 6.60
N ILE A 52 20.00 6.94 7.00
CA ILE A 52 18.72 6.26 7.05
C ILE A 52 17.68 7.01 7.91
N LEU A 53 18.14 7.76 8.91
CA LEU A 53 17.22 8.58 9.68
C LEU A 53 16.71 9.78 8.92
N LYS A 54 17.42 10.19 7.88
CA LYS A 54 16.94 11.26 7.02
C LYS A 54 16.13 10.69 5.85
N CYS A 55 15.28 9.72 6.12
CA CYS A 55 14.47 9.12 5.06
C CYS A 55 13.01 9.27 5.43
N LYS A 56 12.17 9.66 4.47
CA LYS A 56 10.73 9.60 4.63
C LYS A 56 10.31 8.16 4.87
N ALA A 57 11.03 7.23 4.26
CA ALA A 57 10.73 5.83 4.42
C ALA A 57 11.81 4.94 3.81
N VAL A 58 11.75 3.68 4.20
CA VAL A 58 12.74 2.68 3.87
C VAL A 58 12.07 1.47 3.24
N SER A 59 12.67 0.98 2.15
CA SER A 59 12.27 -0.30 1.57
C SER A 59 13.17 -1.36 2.14
N ARG A 60 12.58 -2.47 2.58
CA ARG A 60 13.33 -3.57 3.15
C ARG A 60 13.07 -4.88 2.38
N GLU A 61 14.10 -5.65 2.15
CA GLU A 61 14.01 -6.90 1.39
C GLU A 61 14.57 -8.00 2.27
N LEU A 62 13.81 -9.06 2.51
CA LEU A 62 14.32 -10.25 3.23
C LEU A 62 14.32 -11.44 2.28
N ASN A 63 15.46 -12.13 2.21
CA ASN A 63 15.55 -13.39 1.52
C ASN A 63 15.64 -14.50 2.56
N PHE A 64 14.66 -15.40 2.55
CA PHE A 64 14.67 -16.52 3.50
C PHE A 64 14.32 -17.83 2.82
N SER A 65 14.71 -18.90 3.47
CA SER A 65 14.39 -20.26 3.04
C SER A 65 13.69 -20.99 4.18
N SER A 66 12.76 -21.87 3.83
CA SER A 66 12.09 -22.72 4.81
C SER A 66 11.87 -24.10 4.22
N THR A 67 12.24 -25.12 4.99
CA THR A 67 11.94 -26.46 4.57
C THR A 67 10.45 -26.68 4.83
N GLU A 68 9.97 -26.23 5.97
CA GLU A 68 8.57 -26.44 6.33
C GLU A 68 7.59 -25.57 5.54
N GLN A 69 6.45 -26.16 5.19
CA GLN A 69 5.31 -25.39 4.71
C GLN A 69 4.80 -24.50 5.84
N MET A 70 4.49 -23.25 5.51
CA MET A 70 3.80 -22.33 6.40
C MET A 70 2.56 -21.82 5.73
N GLU A 71 1.47 -21.76 6.49
CA GLU A 71 0.19 -21.33 5.95
C GLU A 71 0.14 -19.82 5.76
N LYS A 72 0.42 -19.06 6.82
CA LYS A 72 0.30 -17.58 6.79
C LYS A 72 1.49 -16.99 7.55
N PHE A 73 2.62 -16.97 6.88
CA PHE A 73 3.83 -16.53 7.51
C PHE A 73 3.82 -15.02 7.68
N ARG A 74 4.14 -14.54 8.87
CA ARG A 74 4.09 -13.13 9.12
C ARG A 74 4.97 -12.69 10.26
N LEU A 75 5.11 -11.38 10.40
CA LEU A 75 6.00 -10.76 11.41
C LEU A 75 5.27 -9.70 12.20
N GLU A 76 5.46 -9.73 13.50
CA GLU A 76 5.14 -8.61 14.34
C GLU A 76 6.46 -8.08 14.81
N GLN A 77 6.67 -6.79 14.67
CA GLN A 77 7.87 -6.14 15.17
C GLN A 77 7.51 -4.99 16.09
N LYS A 78 8.22 -4.88 17.20
CA LYS A 78 8.15 -3.70 18.05
C LYS A 78 9.57 -3.16 18.25
N VAL A 79 9.68 -1.84 18.18
CA VAL A 79 10.94 -1.18 18.33
C VAL A 79 10.99 -0.49 19.69
N TYR A 80 12.06 -0.75 20.43
CA TYR A 80 12.22 -0.25 21.80
C TYR A 80 13.38 0.72 21.93
N PHE A 81 13.14 1.83 22.63
CA PHE A 81 14.18 2.76 23.03
C PHE A 81 14.24 2.82 24.56
N LYS A 82 15.35 2.36 25.15
CA LYS A 82 15.44 2.20 26.61
C LYS A 82 14.18 1.53 27.20
N GLY A 83 13.79 0.38 26.63
CA GLY A 83 12.61 -0.38 27.09
C GLY A 83 11.26 0.26 26.81
N GLN A 84 11.24 1.42 26.18
CA GLN A 84 10.01 2.09 25.81
C GLN A 84 9.68 1.79 24.34
N CYS A 85 8.44 1.39 24.07
CA CYS A 85 8.05 0.98 22.72
C CYS A 85 7.72 2.17 21.82
N LEU A 86 8.55 2.41 20.81
CA LEU A 86 8.35 3.51 19.86
C LEU A 86 7.49 3.18 18.65
N GLU A 87 7.48 1.91 18.24
CA GLU A 87 6.85 1.51 17.00
C GLU A 87 6.36 0.12 17.17
N GLU A 88 5.38 -0.21 16.35
CA GLU A 88 4.67 -1.48 16.46
C GLU A 88 4.27 -1.84 15.05
N TRP A 89 5.05 -2.71 14.41
CA TRP A 89 4.90 -2.99 12.99
C TRP A 89 4.50 -4.42 12.69
N PHE A 90 3.60 -4.57 11.71
CA PHE A 90 3.09 -5.88 11.25
C PHE A 90 3.36 -6.08 9.77
N PHE A 91 3.66 -7.32 9.36
CA PHE A 91 3.86 -7.66 7.95
C PHE A 91 3.43 -9.08 7.70
N GLU A 92 2.53 -9.30 6.72
CA GLU A 92 2.19 -10.69 6.29
C GLU A 92 2.94 -11.00 4.99
N PHE A 93 3.52 -12.19 4.87
CA PHE A 93 3.99 -12.63 3.57
C PHE A 93 2.96 -13.58 2.96
N GLY A 94 2.48 -14.51 3.77
CA GLY A 94 1.50 -15.47 3.33
C GLY A 94 2.00 -16.90 3.36
N PHE A 95 1.42 -17.68 2.45
CA PHE A 95 1.76 -19.07 2.27
C PHE A 95 3.22 -19.21 1.83
N VAL A 96 3.95 -20.15 2.44
CA VAL A 96 5.31 -20.46 2.03
C VAL A 96 5.42 -21.93 1.59
N ILE A 97 5.97 -22.12 0.39
CA ILE A 97 6.13 -23.45 -0.21
C ILE A 97 7.28 -24.15 0.51
N PRO A 98 7.12 -25.46 0.80
CA PRO A 98 8.20 -26.14 1.54
C PRO A 98 9.47 -26.24 0.71
N ASN A 99 10.62 -25.94 1.34
CA ASN A 99 11.93 -25.92 0.66
C ASN A 99 12.07 -24.82 -0.36
N SER A 100 11.34 -23.72 -0.15
CA SER A 100 11.46 -22.59 -1.03
C SER A 100 12.41 -21.58 -0.44
N THR A 101 12.93 -20.73 -1.31
CA THR A 101 13.62 -19.51 -0.95
C THR A 101 12.81 -18.36 -1.51
N ASN A 102 12.73 -17.26 -0.78
CA ASN A 102 11.81 -16.18 -1.12
C ASN A 102 12.42 -14.86 -0.77
N THR A 103 12.13 -13.89 -1.60
CA THR A 103 12.45 -12.52 -1.34
C THR A 103 11.13 -11.90 -0.98
N TRP A 104 11.16 -10.91 -0.10
CA TRP A 104 9.98 -10.26 0.43
C TRP A 104 10.28 -8.80 0.65
N GLN A 105 9.53 -7.92 0.01
CA GLN A 105 9.73 -6.50 0.15
C GLN A 105 8.67 -5.81 1.02
N SER A 106 9.10 -5.00 2.00
CA SER A 106 8.15 -4.27 2.84
C SER A 106 8.52 -2.79 2.95
N LEU A 107 7.51 -1.93 3.06
CA LEU A 107 7.71 -0.51 3.31
C LEU A 107 7.74 -0.30 4.79
N ILE A 108 8.66 0.56 5.22
CA ILE A 108 8.93 0.79 6.62
C ILE A 108 8.95 2.28 6.88
N GLU A 109 7.99 2.71 7.67
CA GLU A 109 7.79 4.11 7.97
C GLU A 109 7.84 4.25 9.47
N ALA A 110 8.48 5.32 9.93
CA ALA A 110 8.51 5.65 11.35
C ALA A 110 7.53 6.79 11.63
N ALA A 111 7.03 6.82 12.85
CA ALA A 111 6.16 7.91 13.33
C ALA A 111 6.96 9.20 13.49
N PRO A 112 6.30 10.36 13.35
CA PRO A 112 6.97 11.64 13.61
C PRO A 112 7.77 11.65 14.92
N GLU A 113 7.18 11.18 16.02
CA GLU A 113 7.88 11.20 17.30
C GLU A 113 9.19 10.45 17.22
N SER A 114 9.25 9.41 16.42
CA SER A 114 10.48 8.66 16.23
C SER A 114 11.48 9.49 15.46
N GLN A 115 10.97 10.15 14.42
CA GLN A 115 11.78 11.00 13.56
C GLN A 115 12.37 12.19 14.30
N MET A 116 11.76 12.57 15.43
CA MET A 116 12.27 13.69 16.25
C MET A 116 13.42 13.34 17.19
N MET A 117 13.96 12.13 17.07
CA MET A 117 15.08 11.70 17.86
C MET A 117 16.34 11.57 16.97
N PRO A 118 17.49 12.08 17.44
CA PRO A 118 18.69 12.04 16.61
C PRO A 118 19.53 10.76 16.76
N ALA A 119 20.30 10.44 15.73
CA ALA A 119 21.24 9.32 15.77
C ALA A 119 21.99 9.27 17.07
N SER A 120 22.46 10.43 17.53
CA SER A 120 23.24 10.51 18.79
C SER A 120 22.52 10.01 20.04
N VAL A 121 21.19 10.08 20.04
CA VAL A 121 20.36 9.63 21.17
C VAL A 121 19.86 8.19 20.95
N LEU A 122 19.59 7.84 19.70
CA LEU A 122 19.05 6.53 19.34
C LEU A 122 20.11 5.45 19.36
N THR A 123 21.30 5.80 18.87
CA THR A 123 22.32 4.80 18.61
C THR A 123 22.66 4.00 19.86
N GLY A 124 22.55 2.67 19.76
CA GLY A 124 22.89 1.76 20.85
C GLY A 124 21.74 1.54 21.81
N ASN A 125 20.69 2.33 21.73
CA ASN A 125 19.60 2.27 22.70
C ASN A 125 18.33 1.74 22.06
N VAL A 126 18.42 1.34 20.79
CA VAL A 126 17.30 0.81 20.03
C VAL A 126 17.42 -0.71 19.86
N ILE A 127 16.31 -1.42 20.06
CA ILE A 127 16.27 -2.86 19.88
C ILE A 127 15.04 -3.19 19.10
N ILE A 128 15.21 -3.81 17.94
CA ILE A 128 14.06 -4.34 17.22
C ILE A 128 13.82 -5.77 17.70
N GLU A 129 12.65 -5.99 18.30
CA GLU A 129 12.18 -7.32 18.65
C GLU A 129 11.31 -7.82 17.51
N THR A 130 11.72 -8.95 16.92
CA THR A 130 11.04 -9.53 15.78
C THR A 130 10.39 -10.85 16.16
N LYS A 131 9.06 -10.90 16.04
CA LYS A 131 8.29 -12.13 16.24
C LYS A 131 7.84 -12.74 14.92
N PHE A 132 8.27 -13.96 14.66
CA PHE A 132 7.94 -14.66 13.40
C PHE A 132 6.79 -15.63 13.69
N PHE A 133 5.68 -15.46 13.00
CA PHE A 133 4.53 -16.35 13.16
C PHE A 133 4.26 -17.10 11.87
N ASP A 134 3.68 -18.29 12.01
CA ASP A 134 2.78 -18.87 11.02
C ASP A 134 1.41 -18.72 11.67
N ASP A 135 0.60 -17.81 11.14
CA ASP A 135 -0.75 -17.59 11.63
C ASP A 135 -0.75 -17.21 13.14
N ASP A 136 -1.44 -18.00 13.97
CA ASP A 136 -1.58 -17.73 15.41
C ASP A 136 -0.43 -18.29 16.25
N LEU A 137 0.61 -18.78 15.59
CA LEU A 137 1.59 -19.65 16.22
C LEU A 137 2.97 -19.02 16.22
N LEU A 138 3.52 -18.77 17.41
CA LEU A 138 4.86 -18.17 17.53
C LEU A 138 6.00 -19.15 17.21
N VAL A 139 6.79 -18.85 16.17
CA VAL A 139 7.88 -19.74 15.78
C VAL A 139 9.20 -19.38 16.45
N SER A 140 9.53 -18.08 16.46
CA SER A 140 10.82 -17.61 16.93
C SER A 140 10.74 -16.14 17.35
N THR A 141 11.59 -15.75 18.29
CA THR A 141 11.70 -14.36 18.76
C THR A 141 13.17 -14.00 18.89
N SER A 142 13.58 -13.00 18.10
CA SER A 142 14.96 -12.52 18.01
C SER A 142 15.02 -11.03 18.28
N ARG A 143 16.16 -10.57 18.73
CA ARG A 143 16.29 -9.16 18.91
C ARG A 143 17.61 -8.69 18.38
N VAL A 144 17.58 -7.44 17.91
CA VAL A 144 18.68 -6.81 17.22
C VAL A 144 18.86 -5.44 17.88
N ARG A 145 20.07 -5.18 18.35
CA ARG A 145 20.44 -3.86 18.81
C ARG A 145 20.98 -3.04 17.64
N LEU A 146 20.46 -1.83 17.46
CA LEU A 146 20.89 -0.98 16.35
C LEU A 146 21.78 0.19 16.77
N PHE A 147 22.82 0.42 15.97
CA PHE A 147 23.63 1.59 16.09
C PHE A 147 23.47 2.39 14.80
N TYR A 148 23.33 3.70 14.93
CA TYR A 148 23.30 4.62 13.78
C TYR A 148 24.65 5.34 13.65
N VAL A 149 25.46 4.85 12.70
CA VAL A 149 26.90 5.15 12.63
C VAL A 149 27.33 6.01 11.47
N SER B 1 -18.69 17.49 -36.30
CA SER B 1 -18.73 16.00 -36.32
C SER B 1 -19.91 15.48 -35.51
N ALA B 2 -20.60 14.46 -36.02
CA ALA B 2 -21.81 13.94 -35.37
C ALA B 2 -21.50 13.32 -34.02
N LYS B 3 -20.32 12.72 -33.89
CA LYS B 3 -19.96 12.00 -32.66
C LYS B 3 -19.57 12.97 -31.55
N ASP B 4 -18.82 14.02 -31.92
CA ASP B 4 -18.51 15.12 -31.01
C ASP B 4 -19.79 15.71 -30.43
N GLU B 5 -20.80 15.93 -31.29
CA GLU B 5 -22.08 16.51 -30.83
C GLU B 5 -22.74 15.63 -29.77
N ARG B 6 -22.83 14.33 -30.05
CA ARG B 6 -23.50 13.36 -29.17
C ARG B 6 -22.75 13.28 -27.84
N ALA B 7 -21.42 13.28 -27.93
CA ALA B 7 -20.54 13.37 -26.75
C ALA B 7 -20.95 14.53 -25.84
N ARG B 8 -21.04 15.73 -26.40
CA ARG B 8 -21.49 16.91 -25.65
C ARG B 8 -22.90 16.71 -25.10
N GLU B 9 -23.74 16.07 -25.91
CA GLU B 9 -25.14 15.80 -25.59
C GLU B 9 -25.24 15.01 -24.29
N ILE B 10 -24.37 14.01 -24.16
CA ILE B 10 -24.37 13.15 -22.99
C ILE B 10 -23.87 13.90 -21.77
N LEU B 11 -22.80 14.68 -21.97
CA LEU B 11 -22.25 15.51 -20.92
C LEU B 11 -23.24 16.49 -20.29
N ARG B 12 -24.10 17.12 -21.08
CA ARG B 12 -25.13 18.02 -20.51
C ARG B 12 -26.01 17.20 -19.58
N GLY B 13 -26.24 15.94 -19.97
CA GLY B 13 -27.15 15.07 -19.22
C GLY B 13 -26.54 14.34 -18.05
N PHE B 14 -25.21 14.42 -17.94
CA PHE B 14 -24.45 13.53 -17.07
C PHE B 14 -24.02 14.13 -15.74
N LYS B 15 -24.15 13.37 -14.67
CA LYS B 15 -23.73 13.86 -13.37
C LYS B 15 -23.31 12.76 -12.43
N LEU B 16 -22.18 12.95 -11.76
CA LEU B 16 -21.79 12.10 -10.64
C LEU B 16 -22.24 12.69 -9.31
N ASN B 17 -23.09 11.95 -8.61
CA ASN B 17 -23.80 12.47 -7.45
C ASN B 17 -23.03 12.28 -6.17
N TRP B 18 -22.45 11.08 -6.00
CA TRP B 18 -21.55 10.79 -4.88
C TRP B 18 -20.65 9.60 -5.15
N MET B 19 -19.73 9.39 -4.21
CA MET B 19 -18.64 8.45 -4.36
C MET B 19 -18.28 7.94 -2.96
N ASN B 20 -17.95 6.63 -2.85
CA ASN B 20 -17.37 5.99 -1.64
C ASN B 20 -16.09 5.25 -1.97
N LEU B 21 -15.21 5.19 -0.97
CA LEU B 21 -14.14 4.23 -0.93
C LEU B 21 -14.26 3.43 0.36
N ARG B 22 -14.24 2.11 0.23
CA ARG B 22 -14.23 1.20 1.37
C ARG B 22 -13.05 0.22 1.27
N ASP B 23 -12.54 -0.20 2.42
CA ASP B 23 -11.68 -1.34 2.51
C ASP B 23 -12.43 -2.56 1.95
N ALA B 24 -11.87 -3.23 0.96
CA ALA B 24 -12.54 -4.35 0.32
C ALA B 24 -12.63 -5.58 1.21
N ALA B 25 -11.73 -5.74 2.16
CA ALA B 25 -11.80 -6.84 3.12
C ALA B 25 -12.88 -6.60 4.20
N THR B 26 -13.01 -5.38 4.69
CA THR B 26 -13.94 -5.10 5.79
C THR B 26 -15.28 -4.51 5.38
N GLY B 27 -15.34 -3.85 4.21
CA GLY B 27 -16.48 -3.00 3.86
C GLY B 27 -16.56 -1.67 4.64
N LYS B 28 -15.57 -1.37 5.47
CA LYS B 28 -15.59 -0.17 6.28
C LYS B 28 -15.34 1.06 5.43
N ILE B 29 -16.13 2.10 5.66
CA ILE B 29 -16.03 3.30 4.87
C ILE B 29 -14.75 4.02 5.20
N LEU B 30 -14.02 4.40 4.16
CA LEU B 30 -12.76 5.14 4.32
C LEU B 30 -12.97 6.60 4.01
N TRP B 31 -13.80 6.85 2.99
CA TRP B 31 -13.96 8.18 2.44
C TRP B 31 -15.27 8.30 1.65
N GLN B 32 -15.91 9.45 1.75
CA GLN B 32 -17.13 9.78 1.00
C GLN B 32 -16.98 11.18 0.45
N GLY B 33 -17.42 11.40 -0.79
CA GLY B 33 -17.40 12.72 -1.38
C GLY B 33 -18.66 12.89 -2.20
N THR B 34 -19.23 14.10 -2.20
CA THR B 34 -20.44 14.39 -2.96
C THR B 34 -20.25 15.41 -4.08
N GLU B 35 -19.02 15.86 -4.29
CA GLU B 35 -18.70 16.75 -5.41
C GLU B 35 -18.89 16.03 -6.77
N ASP B 36 -19.32 16.75 -7.81
CA ASP B 36 -19.42 16.13 -9.12
C ASP B 36 -18.04 16.07 -9.78
N LEU B 37 -17.34 14.96 -9.60
CA LEU B 37 -15.97 14.81 -10.09
C LEU B 37 -15.86 14.43 -11.57
N SER B 38 -16.97 14.35 -12.27
CA SER B 38 -16.94 14.16 -13.72
C SER B 38 -16.76 15.48 -14.46
N VAL B 39 -16.59 16.58 -13.72
CA VAL B 39 -16.57 17.92 -14.30
C VAL B 39 -15.17 18.21 -14.86
N PRO B 40 -15.05 18.42 -16.18
CA PRO B 40 -13.74 18.70 -16.81
C PRO B 40 -13.25 20.13 -16.60
N GLY B 41 -11.94 20.35 -16.75
CA GLY B 41 -11.34 21.70 -16.70
C GLY B 41 -10.89 22.21 -15.33
N VAL B 42 -11.33 21.53 -14.29
CA VAL B 42 -11.06 21.93 -12.92
C VAL B 42 -10.23 20.81 -12.30
N GLU B 43 -9.22 21.17 -11.50
CA GLU B 43 -8.49 20.18 -10.75
C GLU B 43 -9.25 20.04 -9.45
N HIS B 44 -9.82 18.85 -9.23
CA HIS B 44 -10.59 18.57 -8.03
C HIS B 44 -9.61 18.08 -7.00
N GLU B 45 -9.95 18.24 -5.72
CA GLU B 45 -9.18 17.65 -4.61
C GLU B 45 -9.94 16.46 -4.05
N ALA B 46 -9.21 15.59 -3.35
CA ALA B 46 -9.77 14.51 -2.53
C ALA B 46 -8.81 14.32 -1.36
N ARG B 47 -9.19 14.68 -0.15
CA ARG B 47 -8.31 14.44 1.00
C ARG B 47 -8.80 13.15 1.63
N VAL B 48 -8.11 12.07 1.31
CA VAL B 48 -8.47 10.73 1.74
C VAL B 48 -7.58 10.33 2.91
N PRO B 49 -8.12 9.59 3.88
CA PRO B 49 -7.26 9.22 5.00
C PRO B 49 -6.20 8.17 4.61
N LYS B 50 -4.97 8.42 5.03
CA LYS B 50 -3.80 7.63 4.66
C LYS B 50 -3.84 6.12 5.01
N LYS B 51 -4.71 5.71 5.93
CA LYS B 51 -4.87 4.29 6.24
C LYS B 51 -5.35 3.46 5.03
N ILE B 52 -5.97 4.13 4.06
CA ILE B 52 -6.32 3.50 2.78
C ILE B 52 -5.09 2.87 2.07
N LEU B 53 -3.90 3.33 2.40
CA LEU B 53 -2.68 2.75 1.88
C LEU B 53 -2.33 1.40 2.47
N LYS B 54 -2.84 1.06 3.65
CA LYS B 54 -2.60 -0.30 4.19
C LYS B 54 -3.66 -1.31 3.74
N CYS B 55 -4.56 -0.92 2.85
CA CYS B 55 -5.54 -1.84 2.33
C CYS B 55 -4.92 -2.73 1.27
N LYS B 56 -5.18 -4.04 1.34
CA LYS B 56 -4.90 -4.97 0.24
C LYS B 56 -5.57 -4.45 -1.03
N ALA B 57 -6.81 -4.01 -0.89
CA ALA B 57 -7.59 -3.46 -2.00
C ALA B 57 -8.74 -2.61 -1.47
N VAL B 58 -9.39 -1.90 -2.38
CA VAL B 58 -10.38 -0.89 -2.05
C VAL B 58 -11.63 -1.15 -2.87
N SER B 59 -12.78 -0.99 -2.26
CA SER B 59 -14.06 -1.14 -2.93
C SER B 59 -14.67 0.24 -3.17
N ARG B 60 -15.08 0.51 -4.39
CA ARG B 60 -15.53 1.85 -4.78
C ARG B 60 -16.95 1.85 -5.38
N GLU B 61 -17.78 2.79 -4.90
CA GLU B 61 -19.11 2.95 -5.42
C GLU B 61 -19.19 4.32 -6.06
N LEU B 62 -19.70 4.40 -7.29
CA LEU B 62 -20.05 5.67 -7.92
C LEU B 62 -21.56 5.71 -8.04
N ASN B 63 -22.15 6.89 -7.86
CA ASN B 63 -23.56 7.09 -8.14
C ASN B 63 -23.69 8.21 -9.15
N PHE B 64 -24.26 7.88 -10.31
CA PHE B 64 -24.34 8.81 -11.44
C PHE B 64 -25.72 8.82 -12.06
N SER B 65 -26.05 9.94 -12.69
CA SER B 65 -27.30 10.08 -13.42
C SER B 65 -26.95 10.47 -14.86
N SER B 66 -27.79 10.05 -15.80
CA SER B 66 -27.61 10.43 -17.19
C SER B 66 -28.99 10.61 -17.79
N THR B 67 -29.22 11.72 -18.46
CA THR B 67 -30.50 11.89 -19.13
C THR B 67 -30.42 11.08 -20.44
N GLU B 68 -29.25 11.09 -21.06
CA GLU B 68 -29.09 10.40 -22.30
C GLU B 68 -28.88 8.94 -22.00
N GLN B 69 -29.47 8.09 -22.84
CA GLN B 69 -29.11 6.68 -22.89
C GLN B 69 -27.65 6.58 -23.27
N MET B 70 -26.97 5.56 -22.76
CA MET B 70 -25.62 5.25 -23.19
C MET B 70 -25.57 3.76 -23.51
N GLU B 71 -24.85 3.40 -24.56
CA GLU B 71 -24.72 1.99 -25.00
C GLU B 71 -23.70 1.20 -24.19
N LYS B 72 -22.47 1.70 -24.14
CA LYS B 72 -21.39 1.04 -23.38
C LYS B 72 -20.61 2.06 -22.55
N PHE B 73 -21.22 2.47 -21.45
CA PHE B 73 -20.58 3.42 -20.56
C PHE B 73 -19.36 2.79 -19.92
N ARG B 74 -18.23 3.46 -19.96
CA ARG B 74 -17.06 2.90 -19.33
C ARG B 74 -16.10 3.99 -18.92
N LEU B 75 -15.19 3.62 -18.04
CA LEU B 75 -14.14 4.50 -17.57
C LEU B 75 -12.73 3.96 -17.88
N GLU B 76 -11.84 4.85 -18.30
CA GLU B 76 -10.39 4.61 -18.27
C GLU B 76 -9.77 5.58 -17.25
N GLN B 77 -8.93 5.06 -16.35
CA GLN B 77 -8.24 5.90 -15.35
C GLN B 77 -6.77 5.66 -15.36
N LYS B 78 -5.99 6.72 -15.47
CA LYS B 78 -4.57 6.66 -15.20
C LYS B 78 -4.25 7.38 -13.89
N VAL B 79 -3.25 6.86 -13.17
CA VAL B 79 -2.77 7.47 -11.95
C VAL B 79 -1.36 7.96 -12.18
N TYR B 80 -1.16 9.25 -11.93
CA TYR B 80 0.12 9.88 -12.16
C TYR B 80 0.81 10.23 -10.85
N PHE B 81 2.12 10.14 -10.81
CA PHE B 81 2.88 10.63 -9.67
C PHE B 81 4.02 11.47 -10.25
N LYS B 82 3.94 12.80 -10.08
CA LYS B 82 4.92 13.71 -10.66
C LYS B 82 5.07 13.46 -12.17
N GLY B 83 3.94 13.25 -12.86
CA GLY B 83 3.97 12.97 -14.30
C GLY B 83 4.20 11.52 -14.67
N GLN B 84 4.77 10.72 -13.77
CA GLN B 84 4.93 9.31 -14.02
C GLN B 84 3.58 8.59 -13.94
N CYS B 85 3.24 7.78 -14.93
CA CYS B 85 2.02 6.98 -14.86
C CYS B 85 2.26 5.72 -14.03
N LEU B 86 1.54 5.57 -12.92
CA LEU B 86 1.71 4.41 -12.04
C LEU B 86 0.66 3.32 -12.25
N GLU B 87 -0.45 3.68 -12.87
CA GLU B 87 -1.61 2.80 -12.95
C GLU B 87 -2.40 3.09 -14.20
N GLU B 88 -2.91 2.03 -14.80
CA GLU B 88 -3.78 2.13 -15.95
C GLU B 88 -4.97 1.27 -15.62
N TRP B 89 -6.12 1.85 -15.30
CA TRP B 89 -7.26 1.07 -14.87
C TRP B 89 -8.44 1.17 -15.82
N PHE B 90 -9.12 0.05 -16.06
CA PHE B 90 -10.34 0.00 -16.86
C PHE B 90 -11.60 -0.52 -16.10
N PHE B 91 -12.77 0.03 -16.41
CA PHE B 91 -14.04 -0.42 -15.78
C PHE B 91 -15.19 -0.19 -16.75
N GLU B 92 -16.01 -1.19 -16.96
CA GLU B 92 -17.17 -1.09 -17.85
C GLU B 92 -18.46 -1.19 -17.03
N PHE B 93 -19.44 -0.33 -17.29
CA PHE B 93 -20.74 -0.41 -16.67
C PHE B 93 -21.71 -1.12 -17.59
N GLY B 94 -21.62 -0.78 -18.88
CA GLY B 94 -22.56 -1.22 -19.89
C GLY B 94 -23.62 -0.18 -20.24
N PHE B 95 -24.82 -0.70 -20.49
CA PHE B 95 -25.92 0.08 -20.95
C PHE B 95 -26.41 0.97 -19.79
N VAL B 96 -26.76 2.22 -20.13
CA VAL B 96 -27.37 3.11 -19.15
C VAL B 96 -28.75 3.45 -19.66
N ILE B 97 -29.76 3.21 -18.83
CA ILE B 97 -31.13 3.56 -19.19
C ILE B 97 -31.27 5.08 -19.13
N PRO B 98 -31.88 5.69 -20.15
CA PRO B 98 -32.01 7.16 -20.11
C PRO B 98 -32.75 7.62 -18.86
N ASN B 99 -32.33 8.74 -18.28
CA ASN B 99 -32.92 9.30 -17.03
C ASN B 99 -32.83 8.40 -15.82
N SER B 100 -31.85 7.51 -15.82
CA SER B 100 -31.58 6.65 -14.70
C SER B 100 -30.59 7.29 -13.72
N THR B 101 -30.60 6.81 -12.48
CA THR B 101 -29.53 7.02 -11.53
C THR B 101 -29.04 5.62 -11.16
N ASN B 102 -27.73 5.43 -11.09
CA ASN B 102 -27.18 4.10 -10.88
C ASN B 102 -26.02 4.17 -9.89
N THR B 103 -25.92 3.12 -9.07
CA THR B 103 -24.76 2.88 -8.24
C THR B 103 -23.88 1.82 -8.95
N TRP B 104 -22.56 1.99 -8.91
CA TRP B 104 -21.62 1.14 -9.62
C TRP B 104 -20.47 0.81 -8.70
N GLN B 105 -20.29 -0.46 -8.40
CA GLN B 105 -19.24 -0.92 -7.52
C GLN B 105 -18.10 -1.60 -8.28
N SER B 106 -16.89 -1.08 -8.14
CA SER B 106 -15.70 -1.64 -8.76
C SER B 106 -14.67 -1.93 -7.66
N LEU B 107 -13.72 -2.81 -7.98
CA LEU B 107 -12.63 -3.20 -7.08
C LEU B 107 -11.34 -2.55 -7.54
N ILE B 108 -10.51 -2.10 -6.60
CA ILE B 108 -9.31 -1.33 -6.93
C ILE B 108 -8.05 -1.87 -6.24
N GLU B 109 -7.16 -2.43 -7.05
CA GLU B 109 -5.83 -2.89 -6.66
C GLU B 109 -4.82 -1.88 -7.19
N ALA B 110 -3.79 -1.61 -6.40
CA ALA B 110 -2.64 -0.88 -6.90
C ALA B 110 -1.51 -1.88 -7.02
N ALA B 111 -0.54 -1.63 -7.88
CA ALA B 111 0.62 -2.52 -8.06
C ALA B 111 1.54 -2.48 -6.84
N PRO B 112 2.32 -3.55 -6.64
CA PRO B 112 3.30 -3.57 -5.54
C PRO B 112 4.13 -2.29 -5.52
N GLU B 113 4.71 -1.95 -6.67
CA GLU B 113 5.48 -0.72 -6.87
C GLU B 113 4.80 0.46 -6.24
N SER B 114 3.52 0.62 -6.56
CA SER B 114 2.70 1.71 -6.01
C SER B 114 2.67 1.59 -4.50
N GLN B 115 2.33 0.41 -4.01
CA GLN B 115 2.17 0.18 -2.57
C GLN B 115 3.44 0.46 -1.82
N MET B 116 4.56 0.50 -2.55
CA MET B 116 5.88 0.67 -1.96
C MET B 116 6.25 2.14 -1.78
N MET B 117 5.25 3.02 -1.81
CA MET B 117 5.45 4.46 -1.65
C MET B 117 4.58 5.00 -0.49
N PRO B 118 5.19 5.73 0.44
CA PRO B 118 4.47 6.24 1.62
C PRO B 118 3.61 7.47 1.37
N ALA B 119 2.63 7.66 2.27
CA ALA B 119 1.76 8.85 2.26
C ALA B 119 2.55 10.11 2.00
N SER B 120 3.65 10.28 2.74
CA SER B 120 4.43 11.53 2.72
C SER B 120 5.09 11.87 1.39
N VAL B 121 5.24 10.88 0.51
CA VAL B 121 5.72 11.05 -0.86
C VAL B 121 4.56 11.17 -1.85
N LEU B 122 3.53 10.35 -1.65
CA LEU B 122 2.35 10.39 -2.52
C LEU B 122 1.51 11.67 -2.35
N THR B 123 1.31 12.10 -1.09
CA THR B 123 0.35 13.17 -0.78
C THR B 123 0.63 14.45 -1.61
N GLY B 124 -0.41 14.96 -2.28
CA GLY B 124 -0.30 16.14 -3.11
C GLY B 124 0.32 15.94 -4.47
N ASN B 125 0.90 14.77 -4.73
CA ASN B 125 1.56 14.52 -6.01
C ASN B 125 0.84 13.53 -6.85
N VAL B 126 -0.28 13.02 -6.36
CA VAL B 126 -1.00 12.07 -7.19
C VAL B 126 -2.16 12.76 -7.89
N ILE B 127 -2.30 12.47 -9.17
CA ILE B 127 -3.45 12.88 -9.92
C ILE B 127 -4.12 11.63 -10.42
N ILE B 128 -5.42 11.53 -10.20
CA ILE B 128 -6.24 10.56 -10.93
C ILE B 128 -6.89 11.25 -12.12
N GLU B 129 -6.50 10.81 -13.31
CA GLU B 129 -7.13 11.25 -14.55
C GLU B 129 -8.15 10.23 -15.00
N THR B 130 -9.39 10.67 -15.12
CA THR B 130 -10.50 9.79 -15.41
C THR B 130 -11.18 10.22 -16.73
N LYS B 131 -11.31 9.28 -17.67
CA LYS B 131 -12.07 9.51 -18.93
C LYS B 131 -13.40 8.77 -18.93
N PHE B 132 -14.46 9.47 -19.26
CA PHE B 132 -15.78 8.88 -19.27
C PHE B 132 -16.15 8.67 -20.72
N PHE B 133 -16.38 7.41 -21.11
CA PHE B 133 -16.73 7.09 -22.49
C PHE B 133 -18.10 6.49 -22.60
N ASP B 134 -18.83 6.78 -23.66
CA ASP B 134 -19.78 5.80 -24.17
C ASP B 134 -19.07 5.14 -25.33
N ASP B 135 -18.60 3.92 -25.11
CA ASP B 135 -17.91 3.14 -26.11
C ASP B 135 -16.63 3.80 -26.66
N ASP B 136 -16.71 4.45 -27.83
CA ASP B 136 -15.58 5.22 -28.37
C ASP B 136 -15.72 6.71 -28.08
N LEU B 137 -16.92 7.17 -27.73
CA LEU B 137 -17.14 8.62 -27.51
C LEU B 137 -16.59 9.09 -26.17
N LEU B 138 -15.60 9.99 -26.21
CA LEU B 138 -15.15 10.63 -24.98
C LEU B 138 -16.19 11.65 -24.55
N VAL B 139 -16.79 11.47 -23.40
CA VAL B 139 -17.78 12.41 -22.93
C VAL B 139 -17.14 13.50 -22.07
N SER B 140 -16.14 13.11 -21.27
CA SER B 140 -15.43 14.03 -20.37
C SER B 140 -14.14 13.41 -19.87
N THR B 141 -13.21 14.30 -19.48
CA THR B 141 -11.94 13.94 -18.88
C THR B 141 -11.81 14.83 -17.68
N SER B 142 -11.70 14.25 -16.50
CA SER B 142 -11.56 15.05 -15.28
C SER B 142 -10.25 14.69 -14.60
N ARG B 143 -9.80 15.58 -13.70
CA ARG B 143 -8.59 15.30 -12.91
C ARG B 143 -8.87 15.58 -11.45
N VAL B 144 -8.28 14.73 -10.60
CA VAL B 144 -8.43 14.85 -9.18
C VAL B 144 -7.06 14.67 -8.54
N ARG B 145 -6.65 15.71 -7.80
CA ARG B 145 -5.44 15.67 -7.00
C ARG B 145 -5.71 14.97 -5.67
N LEU B 146 -4.88 13.99 -5.29
CA LEU B 146 -5.07 13.32 -4.02
C LEU B 146 -4.05 13.74 -2.97
N PHE B 147 -4.57 14.05 -1.78
CA PHE B 147 -3.77 14.14 -0.57
C PHE B 147 -4.13 12.95 0.31
N TYR B 148 -3.14 12.34 0.95
CA TYR B 148 -3.35 11.24 1.90
C TYR B 148 -3.09 11.74 3.31
N VAL B 149 -4.16 11.88 4.10
CA VAL B 149 -4.07 12.73 5.30
C VAL B 149 -4.25 12.00 6.61
#